data_3TZU
#
_entry.id   3TZU
#
_cell.length_a   50.310
_cell.length_b   50.310
_cell.length_c   165.320
_cell.angle_alpha   90.00
_cell.angle_beta   90.00
_cell.angle_gamma   120.00
#
_symmetry.space_group_name_H-M   'P 31'
#
loop_
_entity.id
_entity.type
_entity.pdbx_description
1 polymer 'Glycine cleavage system H protein 1'
2 non-polymer 'ACETATE ION'
3 non-polymer 1,2-ETHANEDIOL
4 non-polymer DI(HYDROXYETHYL)ETHER
5 water water
#
_entity_poly.entity_id   1
_entity_poly.type   'polypeptide(L)'
_entity_poly.pdbx_seq_one_letter_code
;GPGSMTDRKIPGDRSYTADHEWIDIAPGAATPDGPVRVGITSVAVEALGDLVFVQLPEVGETVSAGESCGEVESTKTVSD
LIAPASGQIVEVNTAAVDDPATIATDPYGAGWLYSVQPTAVGELLTASEYAGQNGLS
;
_entity_poly.pdbx_strand_id   A,B,C,D
#
loop_
_chem_comp.id
_chem_comp.type
_chem_comp.name
_chem_comp.formula
ACT non-polymer 'ACETATE ION' 'C2 H3 O2 -1'
EDO non-polymer 1,2-ETHANEDIOL 'C2 H6 O2'
PEG non-polymer DI(HYDROXYETHYL)ETHER 'C4 H10 O3'
#
# COMPACT_ATOMS: atom_id res chain seq x y z
N ILE A 10 16.36 6.43 22.28
CA ILE A 10 14.93 6.75 22.63
C ILE A 10 14.90 7.80 23.73
N PRO A 11 14.98 9.09 23.33
CA PRO A 11 14.92 10.23 24.23
C PRO A 11 13.88 10.07 25.31
N GLY A 12 14.27 10.23 26.57
CA GLY A 12 13.31 10.21 27.66
C GLY A 12 12.57 11.51 27.88
N ASP A 13 12.71 12.47 26.98
CA ASP A 13 12.08 13.80 27.12
C ASP A 13 10.70 13.91 26.46
N ARG A 14 10.21 12.82 25.86
CA ARG A 14 8.89 12.83 25.21
C ARG A 14 8.09 11.55 25.46
N SER A 15 6.93 11.43 24.84
CA SER A 15 6.07 10.25 25.01
C SER A 15 5.98 9.51 23.70
N TYR A 16 5.57 8.24 23.75
CA TYR A 16 5.59 7.37 22.59
C TYR A 16 4.31 6.57 22.46
N THR A 17 4.09 6.04 21.26
CA THR A 17 2.99 5.11 21.05
C THR A 17 3.46 3.73 20.63
N ALA A 18 2.62 2.73 20.85
CA ALA A 18 2.85 1.38 20.35
C ALA A 18 2.98 1.33 18.83
N ASP A 19 2.42 2.31 18.13
CA ASP A 19 2.53 2.40 16.67
C ASP A 19 3.80 3.15 16.15
N HIS A 20 4.78 3.34 17.03
CA HIS A 20 6.10 3.87 16.67
C HIS A 20 6.14 5.33 16.29
N GLU A 21 5.32 6.11 16.99
CA GLU A 21 5.38 7.54 16.95
C GLU A 21 5.78 8.10 18.28
N TRP A 22 6.16 9.37 18.27
CA TRP A 22 6.36 10.14 19.48
C TRP A 22 5.53 11.39 19.45
N ILE A 23 5.23 11.93 20.61
CA ILE A 23 4.57 13.25 20.75
C ILE A 23 5.30 13.96 21.90
N ASP A 24 5.57 15.24 21.71
CA ASP A 24 6.35 16.01 22.69
C ASP A 24 5.50 16.48 23.84
N ILE A 25 4.95 15.54 24.59
CA ILE A 25 4.45 15.76 25.92
C ILE A 25 5.36 14.90 26.79
N ALA A 26 5.97 15.53 27.79
CA ALA A 26 6.77 14.80 28.76
C ALA A 26 5.89 13.80 29.50
N PRO A 27 6.42 12.61 29.78
CA PRO A 27 5.63 11.55 30.42
C PRO A 27 5.22 11.91 31.84
N GLY A 28 3.90 11.88 32.07
CA GLY A 28 3.29 12.30 33.32
C GLY A 28 2.71 13.70 33.23
N ALA A 29 3.12 14.48 32.23
CA ALA A 29 2.81 15.90 32.21
C ALA A 29 1.42 16.18 31.68
N ALA A 30 0.86 17.32 32.09
CA ALA A 30 -0.37 17.87 31.53
C ALA A 30 -0.13 18.18 30.07
N THR A 31 -1.20 18.23 29.31
CA THR A 31 -1.14 18.50 27.89
C THR A 31 -1.07 20.03 27.75
N PRO A 32 0.04 20.55 27.18
CA PRO A 32 0.35 21.99 27.16
C PRO A 32 -0.75 22.89 26.61
N ASP A 33 -0.70 24.17 27.00
CA ASP A 33 -1.58 25.20 26.45
C ASP A 33 -1.04 25.71 25.11
N GLY A 34 -0.50 24.82 24.29
CA GLY A 34 0.14 25.16 23.00
C GLY A 34 0.43 23.94 22.12
N PRO A 35 0.73 24.16 20.83
CA PRO A 35 0.98 23.08 19.86
C PRO A 35 2.20 22.19 20.16
N VAL A 36 2.02 20.87 20.08
CA VAL A 36 3.13 19.92 20.32
C VAL A 36 3.44 19.10 19.08
N ARG A 37 4.73 18.96 18.80
CA ARG A 37 5.16 18.21 17.63
C ARG A 37 4.99 16.67 17.80
N VAL A 38 4.76 16.00 16.66
CA VAL A 38 4.64 14.56 16.58
C VAL A 38 5.60 14.11 15.49
N GLY A 39 6.16 12.91 15.65
CA GLY A 39 7.04 12.31 14.64
C GLY A 39 7.11 10.80 14.76
N ILE A 40 8.01 10.19 13.98
CA ILE A 40 8.21 8.72 14.04
C ILE A 40 9.50 8.41 14.80
N THR A 41 9.57 7.23 15.39
CA THR A 41 10.73 6.85 16.18
C THR A 41 11.88 6.33 15.31
N SER A 42 13.03 6.16 15.95
CA SER A 42 14.18 5.61 15.31
C SER A 42 13.92 4.18 14.93
N VAL A 43 13.10 3.49 15.69
CA VAL A 43 12.75 2.12 15.40
C VAL A 43 11.91 2.11 14.15
N ALA A 44 11.05 3.09 13.94
CA ALA A 44 10.23 3.07 12.72
C ALA A 44 11.13 3.29 11.50
N VAL A 45 12.09 4.20 11.63
CA VAL A 45 13.03 4.50 10.59
C VAL A 45 13.72 3.19 10.16
N GLU A 46 14.25 2.44 11.14
CA GLU A 46 14.97 1.20 10.78
CA GLU A 46 14.97 1.18 10.87
C GLU A 46 14.03 0.12 10.24
N ALA A 47 12.81 0.09 10.73
CA ALA A 47 11.78 -0.76 10.16
C ALA A 47 11.54 -0.45 8.64
N LEU A 48 11.35 0.82 8.31
CA LEU A 48 10.91 1.23 6.98
C LEU A 48 11.97 1.13 5.87
N GLY A 49 13.20 1.51 6.23
CA GLY A 49 14.28 1.69 5.24
C GLY A 49 14.34 3.12 4.75
N ASP A 50 14.81 3.28 3.52
CA ASP A 50 15.00 4.60 2.92
C ASP A 50 13.64 5.22 2.60
N LEU A 51 13.33 6.32 3.26
CA LEU A 51 12.07 7.01 3.04
C LEU A 51 12.00 7.75 1.68
N VAL A 52 10.90 7.56 0.94
CA VAL A 52 10.75 8.19 -0.37
C VAL A 52 9.54 9.12 -0.50
N PHE A 53 8.52 8.94 0.33
CA PHE A 53 7.30 9.76 0.23
C PHE A 53 6.64 9.88 1.60
N VAL A 54 6.11 11.07 1.87
CA VAL A 54 5.46 11.39 3.13
C VAL A 54 4.21 12.21 2.82
N GLN A 55 3.10 11.84 3.45
CA GLN A 55 1.79 12.48 3.27
C GLN A 55 1.29 12.87 4.63
N LEU A 56 1.03 14.16 4.79
CA LEU A 56 0.66 14.71 6.09
C LEU A 56 -0.73 15.24 6.04
N PRO A 57 -1.37 15.40 7.19
CA PRO A 57 -2.63 16.12 7.24
C PRO A 57 -2.43 17.59 6.95
N GLU A 58 -3.52 18.25 6.55
CA GLU A 58 -3.44 19.67 6.22
C GLU A 58 -3.43 20.49 7.50
N VAL A 59 -2.73 21.61 7.46
CA VAL A 59 -2.82 22.61 8.50
C VAL A 59 -4.30 22.98 8.61
N GLY A 60 -4.84 22.83 9.82
CA GLY A 60 -6.23 23.25 10.08
C GLY A 60 -7.21 22.09 10.16
N GLU A 61 -6.75 20.90 9.86
CA GLU A 61 -7.59 19.71 9.92
C GLU A 61 -7.70 19.28 11.38
N THR A 62 -8.82 18.66 11.74
CA THR A 62 -8.94 18.03 13.02
C THR A 62 -8.65 16.52 12.89
N VAL A 63 -7.66 16.04 13.65
CA VAL A 63 -7.39 14.59 13.72
C VAL A 63 -7.89 14.06 15.04
N SER A 64 -8.02 12.73 15.10
CA SER A 64 -8.43 11.99 16.30
C SER A 64 -7.39 10.92 16.72
N ALA A 65 -7.09 10.86 18.01
CA ALA A 65 -6.20 9.84 18.56
C ALA A 65 -6.63 8.45 18.06
N GLY A 66 -5.68 7.69 17.54
CA GLY A 66 -5.92 6.32 17.06
C GLY A 66 -6.41 6.24 15.61
N GLU A 67 -6.59 7.38 14.95
CA GLU A 67 -7.05 7.37 13.56
C GLU A 67 -5.88 7.64 12.64
N SER A 68 -5.92 7.00 11.49
CA SER A 68 -4.91 7.16 10.46
C SER A 68 -5.00 8.56 9.88
N CYS A 69 -3.94 9.35 9.96
CA CYS A 69 -4.00 10.74 9.50
C CYS A 69 -2.93 11.06 8.48
N GLY A 70 -2.30 10.04 7.89
CA GLY A 70 -1.31 10.25 6.82
C GLY A 70 -0.49 9.00 6.60
N GLU A 71 0.67 9.16 5.94
CA GLU A 71 1.58 8.03 5.70
C GLU A 71 3.07 8.38 5.53
N VAL A 72 3.91 7.42 5.88
CA VAL A 72 5.31 7.43 5.54
C VAL A 72 5.58 6.23 4.67
N GLU A 73 6.44 6.39 3.69
CA GLU A 73 6.64 5.35 2.73
C GLU A 73 8.08 5.22 2.27
N SER A 74 8.57 3.98 2.19
CA SER A 74 9.91 3.66 1.71
C SER A 74 9.75 2.95 0.41
N THR A 75 10.87 2.60 -0.21
CA THR A 75 10.82 1.80 -1.42
C THR A 75 10.14 0.45 -1.20
N LYS A 76 10.01 -0.03 0.02
CA LYS A 76 9.42 -1.36 0.26
C LYS A 76 8.17 -1.38 1.16
N THR A 77 7.85 -0.27 1.81
CA THR A 77 6.82 -0.26 2.84
C THR A 77 6.01 1.05 2.82
N VAL A 78 4.71 0.87 2.97
CA VAL A 78 3.75 1.96 3.11
C VAL A 78 3.12 1.77 4.48
N SER A 79 3.19 2.80 5.29
CA SER A 79 2.75 2.69 6.66
C SER A 79 1.94 3.91 7.10
N ASP A 80 0.77 3.64 7.66
CA ASP A 80 -0.13 4.69 8.15
C ASP A 80 0.38 5.39 9.40
N LEU A 81 0.29 6.72 9.39
CA LEU A 81 0.52 7.50 10.57
C LEU A 81 -0.76 7.37 11.40
N ILE A 82 -0.64 7.07 12.68
CA ILE A 82 -1.77 6.90 13.59
C ILE A 82 -1.59 8.00 14.63
N ALA A 83 -2.54 8.93 14.68
CA ALA A 83 -2.50 10.10 15.55
C ALA A 83 -2.35 9.71 17.02
N PRO A 84 -1.27 10.17 17.68
CA PRO A 84 -1.17 9.92 19.12
C PRO A 84 -2.17 10.74 19.95
N ALA A 85 -2.72 11.79 19.33
CA ALA A 85 -3.56 12.78 20.04
C ALA A 85 -4.67 13.28 19.14
N SER A 86 -5.83 13.53 19.73
CA SER A 86 -6.91 14.26 19.06
C SER A 86 -6.60 15.76 19.10
N GLY A 87 -6.99 16.50 18.06
CA GLY A 87 -6.81 17.96 18.02
C GLY A 87 -6.72 18.59 16.65
N GLN A 88 -6.36 19.87 16.61
CA GLN A 88 -6.23 20.59 15.36
C GLN A 88 -4.76 20.61 14.92
N ILE A 89 -4.52 20.35 13.64
CA ILE A 89 -3.17 20.51 13.10
C ILE A 89 -2.82 22.02 12.92
N VAL A 90 -1.68 22.41 13.48
CA VAL A 90 -1.20 23.80 13.50
C VAL A 90 -0.02 24.04 12.53
N GLU A 91 0.89 23.07 12.42
CA GLU A 91 2.00 23.17 11.45
C GLU A 91 2.31 21.79 10.84
N VAL A 92 2.86 21.76 9.63
CA VAL A 92 3.39 20.55 8.99
C VAL A 92 4.83 20.84 8.58
N ASN A 93 5.70 19.83 8.70
CA ASN A 93 7.13 20.06 8.42
C ASN A 93 7.40 19.81 6.96
N THR A 94 7.17 20.82 6.15
CA THR A 94 7.29 20.70 4.70
C THR A 94 8.69 20.32 4.22
N ALA A 95 9.73 20.73 4.96
CA ALA A 95 11.10 20.28 4.64
C ALA A 95 11.17 18.74 4.72
N ALA A 96 10.45 18.16 5.68
CA ALA A 96 10.37 16.73 5.85
C ALA A 96 9.70 16.05 4.66
N VAL A 97 8.55 16.59 4.23
CA VAL A 97 7.82 16.07 3.06
C VAL A 97 8.68 16.18 1.82
N ASP A 98 9.32 17.33 1.64
CA ASP A 98 10.13 17.58 0.47
C ASP A 98 11.38 16.73 0.39
N ASP A 99 12.04 16.50 1.52
CA ASP A 99 13.28 15.71 1.56
C ASP A 99 13.13 14.64 2.63
N PRO A 100 12.40 13.57 2.32
CA PRO A 100 12.12 12.60 3.37
C PRO A 100 13.38 11.90 3.93
N ALA A 101 14.49 11.93 3.20
CA ALA A 101 15.78 11.50 3.79
C ALA A 101 16.12 12.20 5.12
N THR A 102 15.64 13.42 5.31
CA THR A 102 15.84 14.13 6.58
C THR A 102 15.20 13.43 7.80
N ILE A 103 14.07 12.74 7.61
CA ILE A 103 13.39 12.09 8.72
C ILE A 103 14.31 10.97 9.27
N ALA A 104 14.98 10.27 8.37
CA ALA A 104 15.86 9.18 8.76
C ALA A 104 17.12 9.68 9.48
N THR A 105 17.57 10.89 9.14
CA THR A 105 18.78 11.51 9.72
C THR A 105 18.59 11.91 11.17
N ASP A 106 17.37 12.31 11.51
CA ASP A 106 17.12 13.05 12.74
C ASP A 106 15.64 13.01 13.08
N PRO A 107 15.14 11.80 13.38
CA PRO A 107 13.71 11.58 13.56
C PRO A 107 13.10 12.28 14.74
N TYR A 108 13.91 12.55 15.77
CA TYR A 108 13.44 13.26 16.94
C TYR A 108 13.62 14.78 16.81
N GLY A 109 14.39 15.24 15.81
CA GLY A 109 14.72 16.68 15.67
C GLY A 109 14.16 17.31 14.39
N ALA A 110 15.01 17.54 13.40
CA ALA A 110 14.57 18.16 12.15
C ALA A 110 13.56 17.32 11.37
N GLY A 111 13.46 16.03 11.66
CA GLY A 111 12.50 15.15 11.02
C GLY A 111 11.11 15.06 11.62
N TRP A 112 10.78 15.94 12.57
CA TRP A 112 9.40 16.05 13.06
C TRP A 112 8.45 16.26 11.89
N LEU A 113 7.21 15.78 12.03
CA LEU A 113 6.31 15.68 10.87
C LEU A 113 5.22 16.74 10.89
N TYR A 114 4.68 17.02 12.08
CA TYR A 114 3.63 18.03 12.24
C TYR A 114 3.49 18.47 13.69
N SER A 115 2.72 19.51 13.94
CA SER A 115 2.37 19.91 15.30
C SER A 115 0.87 19.95 15.41
N VAL A 116 0.38 19.52 16.57
CA VAL A 116 -1.05 19.44 16.84
C VAL A 116 -1.34 20.23 18.13
N GLN A 117 -2.54 20.82 18.22
CA GLN A 117 -3.01 21.47 19.44
C GLN A 117 -3.97 20.47 20.11
N PRO A 118 -3.56 19.79 21.19
CA PRO A 118 -4.34 18.60 21.59
C PRO A 118 -5.58 18.88 22.42
N THR A 119 -6.64 18.10 22.20
CA THR A 119 -7.81 18.09 23.08
C THR A 119 -7.89 16.76 23.83
N ALA A 120 -7.08 15.79 23.41
CA ALA A 120 -7.08 14.48 24.02
C ALA A 120 -5.85 13.71 23.53
N VAL A 121 -5.39 12.77 24.35
CA VAL A 121 -4.30 11.89 23.99
C VAL A 121 -4.77 10.44 24.10
N GLY A 122 -4.30 9.57 23.20
CA GLY A 122 -4.50 8.12 23.34
C GLY A 122 -3.52 7.49 24.34
N GLU A 123 -3.37 6.17 24.21
CA GLU A 123 -2.40 5.37 24.96
C GLU A 123 -0.97 5.85 24.69
N LEU A 124 -0.32 6.36 25.73
CA LEU A 124 1.04 6.85 25.59
C LEU A 124 1.95 6.07 26.51
N LEU A 125 3.14 5.77 26.01
CA LEU A 125 4.17 5.02 26.72
C LEU A 125 5.34 5.96 27.10
N THR A 126 6.04 5.69 28.21
CA THR A 126 7.33 6.34 28.48
C THR A 126 8.41 5.73 27.60
N ALA A 127 9.56 6.41 27.47
CA ALA A 127 10.69 5.86 26.68
C ALA A 127 11.11 4.47 27.18
N SER A 128 11.01 4.26 28.48
CA SER A 128 11.39 2.97 29.03
C SER A 128 10.39 1.88 28.60
N GLU A 129 9.09 2.18 28.70
CA GLU A 129 8.09 1.18 28.32
C GLU A 129 8.18 0.83 26.84
N TYR A 130 8.42 1.84 26.02
CA TYR A 130 8.49 1.67 24.57
C TYR A 130 9.73 0.88 24.17
N ALA A 131 10.87 1.23 24.76
CA ALA A 131 12.12 0.49 24.58
C ALA A 131 11.92 -0.98 24.91
N GLY A 132 11.23 -1.25 26.03
CA GLY A 132 10.88 -2.61 26.46
C GLY A 132 9.97 -3.39 25.51
N GLN A 133 8.99 -2.72 24.93
CA GLN A 133 8.18 -3.35 23.89
C GLN A 133 8.99 -3.72 22.64
N ASN A 134 10.17 -3.10 22.46
CA ASN A 134 10.94 -3.25 21.23
C ASN A 134 12.28 -4.03 21.41
N GLY A 135 12.36 -4.81 22.48
CA GLY A 135 13.54 -5.61 22.82
C GLY A 135 14.84 -4.83 22.96
N LEU A 136 14.76 -3.58 23.41
CA LEU A 136 15.94 -2.71 23.62
C LEU A 136 16.26 -2.61 25.12
N ILE B 10 -24.17 0.25 -14.49
CA ILE B 10 -24.40 1.35 -13.52
C ILE B 10 -25.88 1.40 -13.27
N PRO B 11 -26.35 0.63 -12.29
CA PRO B 11 -27.78 0.64 -12.05
C PRO B 11 -28.23 1.98 -11.52
N GLY B 12 -29.32 2.50 -12.06
CA GLY B 12 -29.85 3.80 -11.62
C GLY B 12 -30.74 3.76 -10.39
N ASP B 13 -30.73 2.64 -9.67
CA ASP B 13 -31.49 2.48 -8.41
C ASP B 13 -30.76 3.09 -7.17
N ARG B 14 -29.55 3.62 -7.33
CA ARG B 14 -28.77 4.07 -6.17
C ARG B 14 -27.87 5.27 -6.46
N SER B 15 -27.08 5.71 -5.48
CA SER B 15 -26.22 6.88 -5.63
C SER B 15 -24.76 6.41 -5.65
N TYR B 16 -23.87 7.27 -6.14
CA TYR B 16 -22.47 6.92 -6.33
C TYR B 16 -21.57 8.01 -5.85
N THR B 17 -20.30 7.66 -5.63
CA THR B 17 -19.32 8.67 -5.32
C THR B 17 -18.26 8.71 -6.41
N ALA B 18 -17.61 9.86 -6.55
CA ALA B 18 -16.43 10.03 -7.38
C ALA B 18 -15.33 9.02 -7.02
N ASP B 19 -15.30 8.54 -5.78
CA ASP B 19 -14.33 7.48 -5.40
C ASP B 19 -14.72 6.02 -5.78
N HIS B 20 -15.71 5.84 -6.64
CA HIS B 20 -16.07 4.50 -7.12
C HIS B 20 -16.75 3.61 -6.09
N GLU B 21 -17.60 4.22 -5.28
CA GLU B 21 -18.47 3.51 -4.35
C GLU B 21 -19.89 3.82 -4.66
N TRP B 22 -20.78 3.01 -4.11
CA TRP B 22 -22.21 3.24 -4.19
C TRP B 22 -22.84 3.17 -2.85
N ILE B 23 -23.95 3.88 -2.68
CA ILE B 23 -24.73 3.77 -1.46
C ILE B 23 -26.19 3.66 -1.88
N ASP B 24 -26.95 2.78 -1.19
CA ASP B 24 -28.37 2.51 -1.48
C ASP B 24 -29.27 3.57 -0.92
N ILE B 25 -29.07 4.79 -1.41
CA ILE B 25 -30.01 5.86 -1.36
C ILE B 25 -30.32 6.20 -2.82
N ALA B 26 -31.59 6.10 -3.18
CA ALA B 26 -32.07 6.57 -4.46
C ALA B 26 -31.74 8.05 -4.58
N PRO B 27 -31.39 8.52 -5.78
CA PRO B 27 -30.90 9.88 -5.89
C PRO B 27 -32.06 10.90 -5.88
N GLY B 28 -32.08 11.72 -4.83
CA GLY B 28 -33.18 12.66 -4.55
C GLY B 28 -33.87 12.30 -3.24
N ALA B 29 -33.70 11.05 -2.80
CA ALA B 29 -34.49 10.52 -1.70
C ALA B 29 -34.03 11.06 -0.35
N ALA B 30 -34.94 11.08 0.64
CA ALA B 30 -34.53 11.27 2.03
C ALA B 30 -33.61 10.11 2.40
N THR B 31 -32.60 10.41 3.23
CA THR B 31 -31.74 9.38 3.74
C THR B 31 -32.65 8.50 4.60
N PRO B 32 -32.75 7.19 4.26
CA PRO B 32 -33.78 6.35 4.86
C PRO B 32 -33.74 6.30 6.38
N ASP B 33 -34.88 5.96 6.99
CA ASP B 33 -34.94 5.78 8.43
C ASP B 33 -33.91 4.73 8.88
N GLY B 34 -33.72 3.68 8.06
CA GLY B 34 -32.87 2.54 8.42
C GLY B 34 -31.51 2.37 7.73
N PRO B 35 -30.84 1.24 7.99
CA PRO B 35 -29.53 0.89 7.45
C PRO B 35 -29.45 0.70 5.93
N VAL B 36 -28.47 1.35 5.30
CA VAL B 36 -28.33 1.28 3.87
C VAL B 36 -26.99 0.71 3.51
N ARG B 37 -26.99 -0.17 2.53
CA ARG B 37 -25.76 -0.83 2.08
C ARG B 37 -24.81 0.06 1.27
N VAL B 38 -23.52 -0.27 1.35
CA VAL B 38 -22.48 0.42 0.63
C VAL B 38 -21.61 -0.63 -0.01
N GLY B 39 -21.19 -0.39 -1.26
CA GLY B 39 -20.20 -1.23 -1.93
C GLY B 39 -19.34 -0.48 -2.93
N ILE B 40 -18.57 -1.24 -3.73
CA ILE B 40 -17.75 -0.67 -4.80
C ILE B 40 -18.39 -0.99 -6.14
N THR B 41 -18.15 -0.11 -7.11
CA THR B 41 -18.76 -0.24 -8.43
C THR B 41 -18.08 -1.29 -9.35
N SER B 42 -18.73 -1.57 -10.47
CA SER B 42 -18.13 -2.34 -11.52
C SER B 42 -16.86 -1.68 -12.02
N VAL B 43 -16.83 -0.35 -12.02
CA VAL B 43 -15.67 0.33 -12.51
C VAL B 43 -14.51 0.09 -11.55
N ALA B 44 -14.77 0.13 -10.25
CA ALA B 44 -13.70 -0.15 -9.29
C ALA B 44 -13.17 -1.58 -9.49
N VAL B 45 -14.08 -2.52 -9.73
CA VAL B 45 -13.69 -3.90 -9.88
C VAL B 45 -12.76 -4.04 -11.09
N GLU B 46 -13.12 -3.42 -12.22
CA GLU B 46 -12.27 -3.54 -13.43
CA GLU B 46 -12.31 -3.49 -13.46
C GLU B 46 -10.92 -2.88 -13.23
N ALA B 47 -10.86 -1.78 -12.49
CA ALA B 47 -9.61 -1.09 -12.17
C ALA B 47 -8.66 -1.91 -11.29
N LEU B 48 -9.21 -2.58 -10.27
CA LEU B 48 -8.39 -3.27 -9.26
C LEU B 48 -7.74 -4.58 -9.76
N GLY B 49 -8.51 -5.37 -10.53
CA GLY B 49 -8.17 -6.76 -10.81
C GLY B 49 -8.76 -7.70 -9.78
N ASP B 50 -8.24 -8.90 -9.74
CA ASP B 50 -8.76 -9.94 -8.85
C ASP B 50 -8.53 -9.57 -7.40
N LEU B 51 -9.64 -9.34 -6.70
CA LEU B 51 -9.62 -9.03 -5.29
C LEU B 51 -9.09 -10.23 -4.48
N VAL B 52 -8.12 -9.96 -3.60
CA VAL B 52 -7.58 -10.97 -2.70
C VAL B 52 -7.77 -10.65 -1.22
N PHE B 53 -8.05 -9.40 -0.85
CA PHE B 53 -8.22 -9.06 0.57
C PHE B 53 -9.09 -7.83 0.76
N VAL B 54 -9.94 -7.90 1.78
CA VAL B 54 -10.87 -6.83 2.10
C VAL B 54 -10.82 -6.59 3.59
N GLN B 55 -10.77 -5.32 3.95
CA GLN B 55 -10.79 -4.89 5.36
C GLN B 55 -11.94 -3.89 5.56
N LEU B 56 -12.83 -4.23 6.47
CA LEU B 56 -14.05 -3.45 6.69
C LEU B 56 -14.03 -2.81 8.05
N PRO B 57 -14.80 -1.73 8.22
CA PRO B 57 -14.98 -1.22 9.58
C PRO B 57 -15.82 -2.22 10.35
N GLU B 58 -15.78 -2.14 11.66
CA GLU B 58 -16.48 -3.14 12.44
C GLU B 58 -17.85 -2.64 12.87
N VAL B 59 -18.72 -3.60 13.15
CA VAL B 59 -20.06 -3.30 13.57
C VAL B 59 -19.93 -2.47 14.85
N GLY B 60 -20.59 -1.30 14.86
CA GLY B 60 -20.61 -0.43 16.04
C GLY B 60 -19.78 0.83 15.88
N GLU B 61 -18.85 0.78 14.95
CA GLU B 61 -17.98 1.90 14.67
C GLU B 61 -18.76 3.04 14.02
N THR B 62 -18.39 4.26 14.39
CA THR B 62 -18.88 5.45 13.70
C THR B 62 -17.89 5.86 12.59
N VAL B 63 -18.34 5.89 11.34
CA VAL B 63 -17.51 6.47 10.23
C VAL B 63 -17.97 7.88 9.90
N SER B 64 -17.12 8.62 9.19
CA SER B 64 -17.46 9.96 8.70
C SER B 64 -17.39 10.00 7.17
N ALA B 65 -18.37 10.67 6.54
CA ALA B 65 -18.35 10.85 5.08
C ALA B 65 -16.98 11.44 4.68
N GLY B 66 -16.33 10.80 3.71
CA GLY B 66 -15.06 11.31 3.13
C GLY B 66 -13.82 10.81 3.86
N GLU B 67 -14.01 10.03 4.91
CA GLU B 67 -12.87 9.54 5.66
C GLU B 67 -12.66 8.08 5.28
N SER B 68 -11.41 7.71 5.12
CA SER B 68 -11.04 6.36 4.76
C SER B 68 -11.40 5.34 5.84
N CYS B 69 -12.27 4.38 5.54
CA CYS B 69 -12.83 3.51 6.60
C CYS B 69 -12.55 2.03 6.43
N GLY B 70 -11.66 1.68 5.53
CA GLY B 70 -11.27 0.28 5.29
C GLY B 70 -10.44 0.21 4.02
N GLU B 71 -10.31 -1.00 3.45
CA GLU B 71 -9.61 -1.17 2.17
C GLU B 71 -10.06 -2.37 1.35
N VAL B 72 -9.90 -2.25 0.03
CA VAL B 72 -10.07 -3.36 -0.89
C VAL B 72 -8.76 -3.55 -1.61
N GLU B 73 -8.31 -4.80 -1.77
CA GLU B 73 -6.98 -5.07 -2.31
C GLU B 73 -6.91 -6.23 -3.29
N SER B 74 -6.25 -6.00 -4.42
CA SER B 74 -5.97 -7.02 -5.43
C SER B 74 -4.52 -7.35 -5.37
N THR B 75 -4.07 -8.23 -6.26
CA THR B 75 -2.68 -8.62 -6.31
C THR B 75 -1.79 -7.44 -6.67
N LYS B 76 -2.33 -6.43 -7.32
CA LYS B 76 -1.50 -5.30 -7.71
C LYS B 76 -1.87 -3.96 -7.10
N THR B 77 -2.98 -3.88 -6.38
CA THR B 77 -3.51 -2.59 -5.95
C THR B 77 -4.13 -2.63 -4.55
N VAL B 78 -3.76 -1.65 -3.73
CA VAL B 78 -4.38 -1.41 -2.42
C VAL B 78 -5.12 -0.08 -2.48
N SER B 79 -6.40 -0.11 -2.18
CA SER B 79 -7.19 1.08 -2.35
C SER B 79 -8.15 1.29 -1.16
N ASP B 80 -8.10 2.50 -0.63
CA ASP B 80 -8.92 2.86 0.50
C ASP B 80 -10.43 2.96 0.23
N LEU B 81 -11.24 2.43 1.15
CA LEU B 81 -12.64 2.69 1.10
C LEU B 81 -12.80 4.09 1.72
N ILE B 82 -13.56 4.94 1.06
CA ILE B 82 -13.83 6.30 1.51
C ILE B 82 -15.35 6.33 1.75
N ALA B 83 -15.74 6.49 3.00
CA ALA B 83 -17.13 6.55 3.45
C ALA B 83 -17.97 7.54 2.63
N PRO B 84 -19.01 7.07 1.90
CA PRO B 84 -19.94 7.96 1.24
C PRO B 84 -20.86 8.71 2.22
N ALA B 85 -21.10 8.11 3.40
CA ALA B 85 -22.02 8.65 4.42
C ALA B 85 -21.38 8.58 5.81
N SER B 86 -21.72 9.54 6.67
CA SER B 86 -21.41 9.48 8.10
C SER B 86 -22.47 8.62 8.81
N GLY B 87 -22.05 7.83 9.79
CA GLY B 87 -23.01 7.07 10.59
C GLY B 87 -22.41 5.93 11.40
N GLN B 88 -23.30 5.12 11.96
CA GLN B 88 -22.89 3.91 12.64
C GLN B 88 -22.94 2.71 11.72
N ILE B 89 -21.91 1.88 11.75
CA ILE B 89 -21.94 0.61 11.04
C ILE B 89 -22.86 -0.40 11.78
N VAL B 90 -23.90 -0.88 11.08
CA VAL B 90 -24.84 -1.90 11.57
C VAL B 90 -24.44 -3.31 11.14
N GLU B 91 -23.93 -3.48 9.93
CA GLU B 91 -23.56 -4.82 9.43
C GLU B 91 -22.32 -4.80 8.51
N VAL B 92 -21.62 -5.94 8.45
CA VAL B 92 -20.48 -6.14 7.56
C VAL B 92 -20.71 -7.46 6.83
N ASN B 93 -20.42 -7.50 5.52
CA ASN B 93 -20.64 -8.72 4.74
C ASN B 93 -19.37 -9.55 4.88
N THR B 94 -19.36 -10.45 5.87
CA THR B 94 -18.19 -11.26 6.17
C THR B 94 -17.92 -12.22 5.01
N ALA B 95 -18.96 -12.66 4.31
CA ALA B 95 -18.81 -13.60 3.18
C ALA B 95 -18.04 -12.97 2.04
N ALA B 96 -18.11 -11.64 1.95
CA ALA B 96 -17.31 -10.88 1.00
C ALA B 96 -15.88 -10.76 1.50
N VAL B 97 -15.70 -10.61 2.81
CA VAL B 97 -14.35 -10.58 3.38
C VAL B 97 -13.71 -11.96 3.22
N ASP B 98 -14.49 -13.01 3.42
CA ASP B 98 -13.99 -14.38 3.30
C ASP B 98 -13.66 -14.81 1.88
N ASP B 99 -14.47 -14.38 0.92
CA ASP B 99 -14.26 -14.75 -0.49
C ASP B 99 -14.38 -13.49 -1.32
N PRO B 100 -13.31 -12.70 -1.37
CA PRO B 100 -13.39 -11.42 -2.08
C PRO B 100 -13.73 -11.56 -3.58
N ALA B 101 -13.36 -12.67 -4.21
CA ALA B 101 -13.81 -12.93 -5.59
C ALA B 101 -15.31 -12.66 -5.78
N THR B 102 -16.07 -12.91 -4.73
CA THR B 102 -17.50 -12.58 -4.66
C THR B 102 -17.80 -11.10 -5.06
N ILE B 103 -16.94 -10.18 -4.65
CA ILE B 103 -17.20 -8.75 -4.89
C ILE B 103 -17.14 -8.45 -6.40
N ALA B 104 -16.26 -9.14 -7.12
CA ALA B 104 -15.99 -8.80 -8.51
C ALA B 104 -17.05 -9.38 -9.47
N THR B 105 -17.80 -10.37 -8.99
CA THR B 105 -18.82 -11.03 -9.78
C THR B 105 -20.20 -10.39 -9.64
N ASP B 106 -20.46 -9.78 -8.49
CA ASP B 106 -21.76 -9.19 -8.18
C ASP B 106 -21.57 -8.03 -7.19
N PRO B 107 -20.87 -6.96 -7.68
CA PRO B 107 -20.53 -5.79 -6.88
C PRO B 107 -21.70 -5.03 -6.35
N TYR B 108 -22.79 -4.99 -7.10
CA TYR B 108 -23.99 -4.28 -6.67
C TYR B 108 -24.96 -5.15 -5.87
N GLY B 109 -24.69 -6.45 -5.78
CA GLY B 109 -25.61 -7.42 -5.14
C GLY B 109 -24.98 -8.08 -3.92
N ALA B 110 -24.62 -9.35 -4.05
CA ALA B 110 -24.04 -10.11 -2.93
C ALA B 110 -22.70 -9.57 -2.51
N GLY B 111 -22.01 -8.87 -3.41
CA GLY B 111 -20.76 -8.22 -3.11
C GLY B 111 -20.78 -6.96 -2.26
N TRP B 112 -21.95 -6.50 -1.83
CA TRP B 112 -22.05 -5.38 -0.86
C TRP B 112 -21.07 -5.58 0.29
N LEU B 113 -20.53 -4.48 0.79
CA LEU B 113 -19.47 -4.57 1.79
C LEU B 113 -19.98 -4.34 3.19
N TYR B 114 -20.76 -3.27 3.41
CA TYR B 114 -21.26 -2.98 4.74
C TYR B 114 -22.60 -2.25 4.71
N SER B 115 -23.25 -2.14 5.85
CA SER B 115 -24.40 -1.24 5.98
C SER B 115 -24.15 -0.21 7.07
N VAL B 116 -24.67 1.00 6.83
CA VAL B 116 -24.48 2.14 7.72
C VAL B 116 -25.84 2.75 8.05
N GLN B 117 -25.97 3.33 9.24
CA GLN B 117 -27.18 4.06 9.65
C GLN B 117 -26.85 5.53 9.51
N PRO B 118 -27.33 6.21 8.46
CA PRO B 118 -26.68 7.49 8.17
C PRO B 118 -27.11 8.67 9.01
N THR B 119 -26.17 9.55 9.39
CA THR B 119 -26.50 10.86 9.94
C THR B 119 -26.12 11.94 8.94
N ALA B 120 -25.31 11.61 7.93
CA ALA B 120 -24.95 12.58 6.91
C ALA B 120 -24.42 11.90 5.67
N VAL B 121 -24.61 12.54 4.52
CA VAL B 121 -24.06 12.04 3.27
C VAL B 121 -23.10 13.06 2.69
N GLY B 122 -22.00 12.56 2.12
CA GLY B 122 -21.07 13.39 1.34
C GLY B 122 -21.62 13.71 -0.04
N GLU B 123 -20.71 14.13 -0.92
CA GLU B 123 -21.03 14.53 -2.28
C GLU B 123 -21.42 13.26 -3.05
N LEU B 124 -22.62 13.24 -3.59
CA LEU B 124 -23.18 12.05 -4.21
C LEU B 124 -23.62 12.33 -5.64
N LEU B 125 -23.55 11.29 -6.47
CA LEU B 125 -23.81 11.36 -7.90
C LEU B 125 -24.93 10.40 -8.33
N THR B 126 -25.68 10.78 -9.38
CA THR B 126 -26.62 9.85 -10.01
C THR B 126 -25.83 8.84 -10.84
N ALA B 127 -26.46 7.75 -11.25
CA ALA B 127 -25.81 6.80 -12.16
C ALA B 127 -25.34 7.47 -13.48
N SER B 128 -26.14 8.41 -13.95
CA SER B 128 -25.82 9.13 -15.15
C SER B 128 -24.54 9.94 -14.96
N GLU B 129 -24.48 10.74 -13.89
CA GLU B 129 -23.33 11.62 -13.64
C GLU B 129 -22.04 10.84 -13.50
N TYR B 130 -22.14 9.69 -12.82
CA TYR B 130 -20.99 8.85 -12.55
C TYR B 130 -20.51 8.10 -13.79
N ALA B 131 -21.46 7.70 -14.64
CA ALA B 131 -21.11 7.11 -15.95
C ALA B 131 -20.30 8.10 -16.76
N GLY B 132 -20.83 9.33 -16.88
CA GLY B 132 -20.15 10.47 -17.54
C GLY B 132 -18.74 10.80 -17.01
N GLN B 133 -18.55 10.80 -15.70
CA GLN B 133 -17.22 11.00 -15.15
C GLN B 133 -16.24 9.92 -15.65
N ASN B 134 -16.73 8.71 -15.97
CA ASN B 134 -15.89 7.56 -16.34
C ASN B 134 -15.93 7.18 -17.85
N GLY B 135 -16.31 8.13 -18.71
CA GLY B 135 -16.46 7.89 -20.15
C GLY B 135 -17.42 6.78 -20.56
N LEU B 136 -18.47 6.52 -19.77
CA LEU B 136 -19.49 5.49 -20.06
C LEU B 136 -20.83 6.15 -20.41
N ILE C 10 16.73 -13.43 18.32
CA ILE C 10 17.49 -13.58 17.06
C ILE C 10 18.31 -14.87 17.14
N PRO C 11 17.78 -15.96 16.57
CA PRO C 11 18.53 -17.22 16.53
C PRO C 11 19.88 -17.04 15.88
N GLY C 12 20.94 -17.47 16.57
CA GLY C 12 22.29 -17.35 16.03
C GLY C 12 22.56 -18.34 14.90
N ASP C 13 21.64 -19.26 14.65
CA ASP C 13 21.87 -20.39 13.73
C ASP C 13 21.62 -20.04 12.23
N ARG C 14 21.17 -18.82 11.94
CA ARG C 14 20.74 -18.48 10.59
C ARG C 14 21.22 -17.12 10.06
N SER C 15 20.78 -16.72 8.89
CA SER C 15 21.28 -15.51 8.25
C SER C 15 20.13 -14.53 8.05
N TYR C 16 20.48 -13.26 7.91
CA TYR C 16 19.52 -12.18 7.97
C TYR C 16 19.83 -11.15 6.90
N THR C 17 18.83 -10.33 6.56
CA THR C 17 18.99 -9.25 5.62
C THR C 17 18.61 -7.95 6.30
N ALA C 18 19.15 -6.86 5.79
CA ALA C 18 18.84 -5.49 6.24
C ALA C 18 17.34 -5.12 6.11
N ASP C 19 16.59 -5.89 5.31
CA ASP C 19 15.13 -5.74 5.18
C ASP C 19 14.29 -6.55 6.17
N HIS C 20 14.93 -7.12 7.18
CA HIS C 20 14.21 -7.83 8.24
C HIS C 20 13.57 -9.10 7.80
N GLU C 21 14.31 -9.85 6.97
CA GLU C 21 14.04 -11.25 6.79
C GLU C 21 15.18 -12.15 7.29
N TRP C 22 14.86 -13.41 7.39
CA TRP C 22 15.88 -14.41 7.55
C TRP C 22 15.79 -15.44 6.50
N ILE C 23 16.88 -16.17 6.36
CA ILE C 23 16.99 -17.35 5.53
C ILE C 23 17.85 -18.37 6.32
N ASP C 24 17.46 -19.66 6.28
CA ASP C 24 18.14 -20.76 7.03
C ASP C 24 19.39 -21.18 6.30
N ILE C 25 20.32 -20.27 6.12
CA ILE C 25 21.67 -20.61 5.75
C ILE C 25 22.49 -20.14 6.93
N ALA C 26 23.30 -21.04 7.46
CA ALA C 26 24.19 -20.75 8.59
C ALA C 26 25.33 -19.81 8.15
N PRO C 27 25.81 -18.96 9.08
CA PRO C 27 26.96 -18.10 8.81
C PRO C 27 28.14 -18.89 8.28
N GLY C 28 28.61 -18.51 7.10
CA GLY C 28 29.74 -19.15 6.44
C GLY C 28 29.42 -20.49 5.79
N ALA C 29 28.16 -20.92 5.83
CA ALA C 29 27.76 -22.20 5.21
C ALA C 29 27.79 -22.09 3.70
N ALA C 30 28.29 -23.12 3.04
CA ALA C 30 28.03 -23.28 1.60
C ALA C 30 26.51 -23.21 1.31
N THR C 31 26.15 -22.39 0.31
CA THR C 31 24.78 -22.32 -0.22
C THR C 31 24.37 -23.75 -0.55
N PRO C 32 23.29 -24.25 0.10
CA PRO C 32 23.06 -25.70 0.19
C PRO C 32 22.38 -26.32 -1.04
N ASP C 33 22.54 -27.63 -1.18
CA ASP C 33 21.89 -28.39 -2.23
C ASP C 33 20.39 -28.46 -1.94
N GLY C 34 20.01 -28.40 -0.66
CA GLY C 34 18.58 -28.44 -0.28
C GLY C 34 17.82 -27.10 -0.34
N PRO C 35 16.48 -27.15 -0.35
CA PRO C 35 15.74 -25.91 -0.23
C PRO C 35 15.91 -25.30 1.16
N VAL C 36 15.93 -23.97 1.25
CA VAL C 36 16.02 -23.32 2.53
C VAL C 36 14.87 -22.34 2.74
N ARG C 37 14.51 -22.19 4.00
CA ARG C 37 13.39 -21.37 4.38
C ARG C 37 13.73 -19.91 4.50
N VAL C 38 12.71 -19.09 4.17
CA VAL C 38 12.72 -17.67 4.36
C VAL C 38 11.50 -17.24 5.21
N GLY C 39 11.70 -16.19 5.98
CA GLY C 39 10.64 -15.63 6.80
C GLY C 39 11.02 -14.25 7.26
N ILE C 40 10.19 -13.65 8.10
CA ILE C 40 10.49 -12.31 8.64
C ILE C 40 10.96 -12.39 10.11
N THR C 41 11.72 -11.39 10.53
CA THR C 41 12.29 -11.36 11.86
C THR C 41 11.30 -10.78 12.90
N SER C 42 11.65 -10.89 14.17
CA SER C 42 10.81 -10.39 15.21
C SER C 42 10.82 -8.86 15.15
N VAL C 43 11.85 -8.27 14.56
CA VAL C 43 11.86 -6.84 14.41
C VAL C 43 10.80 -6.47 13.43
N ALA C 44 10.68 -7.25 12.36
CA ALA C 44 9.63 -6.99 11.39
C ALA C 44 8.24 -7.04 12.01
N VAL C 45 7.97 -8.06 12.83
CA VAL C 45 6.67 -8.22 13.48
C VAL C 45 6.33 -7.03 14.38
N GLU C 46 7.26 -6.68 15.26
CA GLU C 46 7.12 -5.53 16.18
C GLU C 46 6.67 -4.27 15.43
N ALA C 47 7.36 -4.00 14.32
CA ALA C 47 7.12 -2.87 13.44
C ALA C 47 5.78 -2.96 12.77
N LEU C 48 5.49 -4.07 12.12
CA LEU C 48 4.22 -4.18 11.39
C LEU C 48 2.96 -4.06 12.26
N GLY C 49 2.94 -4.68 13.44
CA GLY C 49 1.71 -4.84 14.23
C GLY C 49 1.04 -6.19 13.99
N ASP C 50 -0.23 -6.31 14.36
CA ASP C 50 -0.95 -7.56 14.10
C ASP C 50 -1.10 -7.78 12.58
N LEU C 51 -0.59 -8.90 12.08
CA LEU C 51 -0.69 -9.23 10.66
C LEU C 51 -2.06 -9.74 10.24
N VAL C 52 -2.59 -9.22 9.14
CA VAL C 52 -3.91 -9.65 8.65
C VAL C 52 -3.92 -10.25 7.25
N PHE C 53 -2.84 -10.13 6.50
CA PHE C 53 -2.83 -10.66 5.14
C PHE C 53 -1.42 -10.88 4.64
N VAL C 54 -1.18 -12.04 4.05
CA VAL C 54 0.11 -12.40 3.46
C VAL C 54 -0.09 -12.84 2.01
N GLN C 55 0.74 -12.31 1.11
CA GLN C 55 0.78 -12.73 -0.29
C GLN C 55 2.18 -13.31 -0.53
N LEU C 56 2.25 -14.57 -0.95
CA LEU C 56 3.54 -15.22 -1.23
C LEU C 56 3.70 -15.55 -2.68
N PRO C 57 4.93 -15.69 -3.15
CA PRO C 57 5.11 -16.17 -4.51
C PRO C 57 4.53 -17.55 -4.72
N GLU C 58 4.35 -17.90 -5.98
CA GLU C 58 3.72 -19.16 -6.32
C GLU C 58 4.82 -20.23 -6.29
N VAL C 59 4.44 -21.45 -5.92
CA VAL C 59 5.36 -22.58 -6.04
C VAL C 59 5.72 -22.79 -7.52
N GLY C 60 7.01 -22.88 -7.83
CA GLY C 60 7.48 -23.08 -9.21
C GLY C 60 8.05 -21.81 -9.83
N GLU C 61 7.76 -20.68 -9.20
CA GLU C 61 8.20 -19.37 -9.67
C GLU C 61 9.68 -19.15 -9.34
N THR C 62 10.40 -18.49 -10.24
CA THR C 62 11.78 -18.12 -10.00
C THR C 62 11.86 -16.69 -9.49
N VAL C 63 12.48 -16.50 -8.31
CA VAL C 63 12.70 -15.18 -7.76
C VAL C 63 14.18 -14.79 -7.88
N SER C 64 14.44 -13.50 -7.65
CA SER C 64 15.73 -12.87 -7.77
C SER C 64 16.09 -12.16 -6.48
N ALA C 65 17.31 -12.39 -5.96
CA ALA C 65 17.78 -11.74 -4.73
C ALA C 65 17.60 -10.22 -4.86
N GLY C 66 16.99 -9.60 -3.84
CA GLY C 66 16.76 -8.16 -3.83
C GLY C 66 15.52 -7.70 -4.57
N GLU C 67 14.72 -8.64 -5.06
CA GLU C 67 13.50 -8.30 -5.81
C GLU C 67 12.34 -8.65 -4.92
N SER C 68 11.29 -7.87 -5.12
CA SER C 68 10.13 -7.87 -4.30
C SER C 68 9.29 -9.04 -4.74
N CYS C 69 9.08 -10.02 -3.87
CA CYS C 69 8.48 -11.29 -4.30
C CYS C 69 7.18 -11.65 -3.58
N GLY C 70 6.60 -10.72 -2.83
CA GLY C 70 5.34 -10.96 -2.10
C GLY C 70 5.06 -9.84 -1.10
N GLU C 71 4.17 -10.06 -0.13
CA GLU C 71 3.88 -8.99 0.84
C GLU C 71 3.32 -9.52 2.16
N VAL C 72 3.65 -8.82 3.26
CA VAL C 72 2.97 -9.00 4.54
C VAL C 72 2.27 -7.69 4.94
N GLU C 73 1.13 -7.82 5.59
CA GLU C 73 0.25 -6.71 5.81
C GLU C 73 -0.41 -6.78 7.18
N SER C 74 -0.37 -5.65 7.89
CA SER C 74 -1.18 -5.40 9.11
C SER C 74 -2.26 -4.40 8.77
N THR C 75 -3.09 -4.08 9.76
CA THR C 75 -4.10 -3.07 9.59
C THR C 75 -3.50 -1.72 9.21
N LYS C 76 -2.28 -1.41 9.63
CA LYS C 76 -1.69 -0.09 9.39
C LYS C 76 -0.49 -0.07 8.40
N THR C 77 -0.02 -1.24 7.95
CA THR C 77 1.17 -1.28 7.13
C THR C 77 1.16 -2.40 6.07
N VAL C 78 1.65 -2.07 4.88
CA VAL C 78 1.88 -3.00 3.77
C VAL C 78 3.36 -2.95 3.49
N SER C 79 3.98 -4.12 3.36
CA SER C 79 5.41 -4.25 3.35
C SER C 79 5.84 -5.37 2.41
N ASP C 80 6.67 -5.05 1.43
CA ASP C 80 7.02 -6.02 0.38
C ASP C 80 8.02 -7.02 0.92
N LEU C 81 7.89 -8.28 0.52
CA LEU C 81 8.91 -9.27 0.83
C LEU C 81 10.00 -9.08 -0.20
N ILE C 82 11.24 -8.94 0.25
CA ILE C 82 12.38 -8.75 -0.62
C ILE C 82 13.18 -10.06 -0.50
N ALA C 83 13.44 -10.68 -1.65
CA ALA C 83 14.00 -12.03 -1.68
C ALA C 83 15.44 -12.01 -1.13
N PRO C 84 15.70 -12.78 -0.08
CA PRO C 84 17.11 -12.88 0.31
C PRO C 84 17.98 -13.63 -0.74
N ALA C 85 17.37 -14.54 -1.48
CA ALA C 85 18.08 -15.42 -2.42
C ALA C 85 17.35 -15.54 -3.76
N SER C 86 18.14 -15.70 -4.82
CA SER C 86 17.64 -16.05 -6.13
C SER C 86 17.49 -17.56 -6.11
N GLY C 87 16.54 -18.08 -6.88
CA GLY C 87 16.22 -19.50 -6.85
C GLY C 87 14.76 -19.76 -7.11
N GLN C 88 14.39 -21.03 -7.17
CA GLN C 88 13.03 -21.46 -7.41
C GLN C 88 12.28 -21.69 -6.11
N ILE C 89 11.03 -21.22 -6.03
CA ILE C 89 10.16 -21.43 -4.87
C ILE C 89 9.70 -22.88 -4.82
N VAL C 90 10.18 -23.60 -3.84
CA VAL C 90 9.86 -25.03 -3.72
C VAL C 90 8.57 -25.25 -2.93
N GLU C 91 8.31 -24.40 -1.94
CA GLU C 91 7.20 -24.60 -1.00
C GLU C 91 6.75 -23.27 -0.37
N VAL C 92 5.45 -23.17 -0.08
CA VAL C 92 4.91 -22.06 0.69
C VAL C 92 4.16 -22.56 1.94
N ASN C 93 4.14 -21.74 3.00
CA ASN C 93 3.44 -22.07 4.24
C ASN C 93 1.98 -21.66 4.19
N THR C 94 1.15 -22.52 3.59
CA THR C 94 -0.28 -22.24 3.45
C THR C 94 -0.94 -21.96 4.81
N ALA C 95 -0.50 -22.68 5.83
CA ALA C 95 -0.87 -22.42 7.22
C ALA C 95 -0.73 -20.94 7.62
N ALA C 96 0.44 -20.36 7.36
CA ALA C 96 0.68 -18.96 7.72
C ALA C 96 -0.14 -17.98 6.85
N VAL C 97 -0.30 -18.29 5.57
CA VAL C 97 -1.17 -17.48 4.69
C VAL C 97 -2.63 -17.52 5.16
N ASP C 98 -3.11 -18.73 5.48
CA ASP C 98 -4.46 -18.91 6.04
C ASP C 98 -4.61 -18.33 7.45
N ASP C 99 -3.54 -18.29 8.24
CA ASP C 99 -3.65 -17.78 9.63
C ASP C 99 -2.41 -16.95 10.00
N PRO C 100 -2.37 -15.70 9.52
CA PRO C 100 -1.21 -14.85 9.69
C PRO C 100 -0.88 -14.41 11.11
N ALA C 101 -1.82 -14.52 12.05
CA ALA C 101 -1.51 -14.31 13.48
C ALA C 101 -0.38 -15.23 13.92
N THR C 102 -0.41 -16.47 13.42
CA THR C 102 0.67 -17.44 13.58
C THR C 102 2.06 -16.89 13.34
N ILE C 103 2.20 -15.99 12.37
CA ILE C 103 3.52 -15.42 12.08
C ILE C 103 4.07 -14.55 13.23
N ALA C 104 3.22 -13.73 13.85
CA ALA C 104 3.62 -12.85 14.97
C ALA C 104 4.01 -13.67 16.16
N THR C 105 3.24 -14.70 16.42
CA THR C 105 3.49 -15.64 17.52
C THR C 105 4.83 -16.36 17.46
N ASP C 106 5.37 -16.58 16.27
CA ASP C 106 6.51 -17.49 16.07
C ASP C 106 7.15 -17.24 14.70
N PRO C 107 7.74 -16.04 14.49
CA PRO C 107 8.31 -15.66 13.19
C PRO C 107 9.46 -16.54 12.70
N TYR C 108 10.26 -17.07 13.61
CA TYR C 108 11.38 -17.96 13.26
C TYR C 108 11.06 -19.43 13.20
N GLY C 109 9.90 -19.86 13.70
CA GLY C 109 9.50 -21.28 13.71
C GLY C 109 8.30 -21.58 12.81
N ALA C 110 7.13 -21.79 13.40
CA ALA C 110 5.90 -22.04 12.60
C ALA C 110 5.49 -20.93 11.67
N GLY C 111 6.09 -19.75 11.79
CA GLY C 111 5.70 -18.62 10.98
C GLY C 111 6.53 -18.44 9.71
N TRP C 112 7.35 -19.45 9.37
CA TRP C 112 8.15 -19.38 8.15
C TRP C 112 7.22 -19.12 6.98
N LEU C 113 7.71 -18.50 5.90
CA LEU C 113 6.84 -18.08 4.81
C LEU C 113 6.95 -19.02 3.60
N TYR C 114 8.17 -19.23 3.10
CA TYR C 114 8.39 -20.16 1.98
C TYR C 114 9.79 -20.76 2.00
N SER C 115 9.99 -21.78 1.17
CA SER C 115 11.34 -22.31 0.95
C SER C 115 11.84 -22.11 -0.48
N VAL C 116 13.13 -21.79 -0.61
CA VAL C 116 13.74 -21.53 -1.91
C VAL C 116 14.99 -22.41 -2.17
N GLN C 117 15.09 -22.91 -3.40
CA GLN C 117 16.27 -23.65 -3.87
C GLN C 117 17.27 -22.64 -4.45
N PRO C 118 18.29 -22.26 -3.70
CA PRO C 118 19.00 -21.08 -4.15
C PRO C 118 20.05 -21.31 -5.25
N THR C 119 20.12 -20.37 -6.19
CA THR C 119 21.21 -20.33 -7.17
C THR C 119 22.17 -19.17 -6.85
N ALA C 120 21.72 -18.24 -6.01
CA ALA C 120 22.53 -17.11 -5.55
C ALA C 120 21.93 -16.52 -4.29
N VAL C 121 22.77 -15.81 -3.55
CA VAL C 121 22.36 -15.08 -2.36
C VAL C 121 22.74 -13.61 -2.45
N GLY C 122 21.91 -12.74 -1.86
CA GLY C 122 22.21 -11.33 -1.77
C GLY C 122 23.06 -11.08 -0.52
N GLU C 123 23.13 -9.81 -0.12
CA GLU C 123 23.90 -9.39 1.06
C GLU C 123 23.25 -10.06 2.26
N LEU C 124 23.99 -10.88 3.00
CA LEU C 124 23.45 -11.51 4.20
C LEU C 124 24.25 -11.09 5.43
N LEU C 125 23.59 -11.12 6.57
CA LEU C 125 24.19 -10.76 7.84
C LEU C 125 24.04 -11.87 8.89
N THR C 126 24.98 -11.90 9.83
CA THR C 126 24.90 -12.77 11.00
C THR C 126 23.86 -12.24 12.01
N ALA C 127 23.44 -13.09 12.96
CA ALA C 127 22.61 -12.62 14.07
C ALA C 127 23.16 -11.32 14.72
N SER C 128 24.46 -11.25 14.96
CA SER C 128 25.04 -10.13 15.71
C SER C 128 25.08 -8.84 14.92
N GLU C 129 25.50 -8.95 13.66
CA GLU C 129 25.47 -7.80 12.74
C GLU C 129 24.05 -7.23 12.61
N TYR C 130 23.07 -8.11 12.48
CA TYR C 130 21.66 -7.72 12.34
C TYR C 130 21.15 -7.11 13.64
N ALA C 131 21.49 -7.72 14.77
CA ALA C 131 21.22 -7.15 16.09
C ALA C 131 21.85 -5.75 16.26
N GLY C 132 23.11 -5.59 15.91
CA GLY C 132 23.78 -4.28 15.98
C GLY C 132 23.16 -3.17 15.13
N GLN C 133 22.61 -3.50 13.97
CA GLN C 133 21.94 -2.51 13.13
C GLN C 133 20.63 -2.02 13.75
N ASN C 134 20.04 -2.85 14.61
CA ASN C 134 18.75 -2.55 15.20
C ASN C 134 18.81 -2.29 16.69
N GLY C 135 20.02 -2.04 17.19
CA GLY C 135 20.28 -1.77 18.62
C GLY C 135 19.78 -2.82 19.59
N LEU C 136 19.81 -4.08 19.17
CA LEU C 136 19.47 -5.20 20.04
C LEU C 136 20.75 -5.91 20.48
N ILE D 10 -8.77 6.75 -25.97
CA ILE D 10 -7.83 5.60 -26.13
C ILE D 10 -7.26 5.67 -27.54
N PRO D 11 -6.03 6.17 -27.70
CA PRO D 11 -5.38 6.19 -29.01
C PRO D 11 -5.35 4.81 -29.65
N GLY D 12 -5.74 4.72 -30.92
CA GLY D 12 -5.91 3.43 -31.59
C GLY D 12 -4.64 2.84 -32.20
N ASP D 13 -3.51 3.54 -32.07
CA ASP D 13 -2.26 3.14 -32.73
C ASP D 13 -1.20 2.65 -31.76
N ARG D 14 -1.61 2.27 -30.55
CA ARG D 14 -0.71 1.65 -29.62
C ARG D 14 -1.35 0.41 -29.02
N SER D 15 -0.66 -0.24 -28.08
CA SER D 15 -1.14 -1.49 -27.49
C SER D 15 -1.38 -1.31 -25.99
N TYR D 16 -2.25 -2.14 -25.44
CA TYR D 16 -2.74 -2.00 -24.06
C TYR D 16 -2.62 -3.34 -23.30
N THR D 17 -2.70 -3.30 -21.98
CA THR D 17 -2.70 -4.52 -21.19
C THR D 17 -3.94 -4.50 -20.32
N ALA D 18 -4.38 -5.68 -19.90
CA ALA D 18 -5.53 -5.79 -18.98
C ALA D 18 -5.33 -5.07 -17.61
N ASP D 19 -4.09 -4.76 -17.21
CA ASP D 19 -3.81 -3.99 -15.97
C ASP D 19 -3.72 -2.46 -16.18
N HIS D 20 -4.23 -1.98 -17.31
CA HIS D 20 -4.36 -0.53 -17.55
C HIS D 20 -3.05 0.17 -17.80
N GLU D 21 -2.17 -0.51 -18.54
CA GLU D 21 -1.05 0.20 -19.11
C GLU D 21 -1.13 0.21 -20.62
N TRP D 22 -0.31 1.08 -21.18
CA TRP D 22 -0.11 1.05 -22.60
C TRP D 22 1.33 0.92 -22.93
N ILE D 23 1.59 0.47 -24.14
CA ILE D 23 2.93 0.37 -24.66
C ILE D 23 2.87 0.79 -26.12
N ASP D 24 3.91 1.50 -26.55
CA ASP D 24 3.94 2.22 -27.82
C ASP D 24 4.38 1.26 -28.92
N ILE D 25 3.74 0.11 -29.02
CA ILE D 25 3.90 -0.79 -30.15
C ILE D 25 2.55 -0.86 -30.85
N ALA D 26 2.54 -0.69 -32.16
CA ALA D 26 1.29 -0.72 -32.93
C ALA D 26 0.73 -2.15 -33.00
N PRO D 27 -0.59 -2.28 -33.15
CA PRO D 27 -1.15 -3.61 -33.27
C PRO D 27 -0.67 -4.31 -34.51
N GLY D 28 -0.18 -5.53 -34.33
CA GLY D 28 0.42 -6.29 -35.41
C GLY D 28 1.87 -5.94 -35.73
N ALA D 29 2.44 -4.91 -35.10
CA ALA D 29 3.84 -4.48 -35.40
C ALA D 29 4.84 -5.51 -34.94
N ALA D 30 5.98 -5.58 -35.63
CA ALA D 30 7.16 -6.25 -35.07
C ALA D 30 7.62 -5.47 -33.82
N THR D 31 7.77 -6.18 -32.69
CA THR D 31 8.53 -5.66 -31.54
C THR D 31 9.76 -4.93 -32.11
N PRO D 32 9.87 -3.61 -31.85
CA PRO D 32 10.83 -2.79 -32.58
C PRO D 32 12.26 -2.95 -32.10
N ASP D 33 13.20 -2.47 -32.92
CA ASP D 33 14.63 -2.58 -32.67
C ASP D 33 15.10 -1.28 -32.02
N GLY D 34 14.36 -0.85 -31.01
CA GLY D 34 14.54 0.44 -30.36
C GLY D 34 13.61 0.61 -29.16
N PRO D 35 13.87 1.63 -28.35
CA PRO D 35 13.07 1.82 -27.14
C PRO D 35 11.60 2.16 -27.41
N VAL D 36 10.68 1.52 -26.66
CA VAL D 36 9.31 1.97 -26.68
C VAL D 36 8.83 2.41 -25.30
N ARG D 37 8.01 3.46 -25.34
CA ARG D 37 7.39 4.02 -24.14
C ARG D 37 6.26 3.19 -23.56
N VAL D 38 6.26 3.15 -22.24
CA VAL D 38 5.17 2.67 -21.43
C VAL D 38 4.57 3.78 -20.55
N GLY D 39 3.26 3.70 -20.32
CA GLY D 39 2.53 4.60 -19.43
C GLY D 39 1.26 3.94 -18.89
N ILE D 40 0.45 4.69 -18.15
CA ILE D 40 -0.90 4.19 -17.74
C ILE D 40 -2.00 4.80 -18.58
N THR D 41 -3.14 4.13 -18.64
CA THR D 41 -4.26 4.62 -19.43
C THR D 41 -5.15 5.63 -18.66
N SER D 42 -6.12 6.21 -19.36
CA SER D 42 -7.05 7.13 -18.78
C SER D 42 -7.99 6.40 -17.83
N VAL D 43 -8.19 5.12 -18.06
CA VAL D 43 -8.97 4.33 -17.13
C VAL D 43 -8.24 4.25 -15.81
N ALA D 44 -6.94 3.98 -15.86
CA ALA D 44 -6.13 3.88 -14.62
C ALA D 44 -6.20 5.19 -13.83
N VAL D 45 -6.07 6.28 -14.54
CA VAL D 45 -6.08 7.63 -13.95
C VAL D 45 -7.38 7.96 -13.22
N GLU D 46 -8.51 7.75 -13.89
CA GLU D 46 -9.82 8.03 -13.29
CA GLU D 46 -9.83 7.99 -13.34
C GLU D 46 -10.04 7.18 -12.05
N ALA D 47 -9.51 5.95 -12.07
CA ALA D 47 -9.60 5.03 -10.98
C ALA D 47 -8.72 5.46 -9.84
N LEU D 48 -7.46 5.78 -10.12
CA LEU D 48 -6.57 6.23 -9.04
C LEU D 48 -6.93 7.53 -8.34
N GLY D 49 -7.48 8.50 -9.06
CA GLY D 49 -7.65 9.86 -8.51
C GLY D 49 -6.46 10.78 -8.76
N ASP D 50 -6.31 11.81 -7.94
CA ASP D 50 -5.19 12.73 -8.13
C ASP D 50 -3.86 12.07 -7.69
N LEU D 51 -2.93 11.93 -8.61
CA LEU D 51 -1.64 11.32 -8.36
C LEU D 51 -0.67 12.19 -7.56
N VAL D 52 -0.09 11.62 -6.51
CA VAL D 52 0.86 12.33 -5.63
C VAL D 52 2.23 11.70 -5.56
N PHE D 53 2.44 10.51 -6.14
CA PHE D 53 3.73 9.87 -6.05
C PHE D 53 3.93 8.72 -7.02
N VAL D 54 5.09 8.72 -7.67
CA VAL D 54 5.40 7.69 -8.66
C VAL D 54 6.77 7.12 -8.38
N GLN D 55 6.85 5.80 -8.40
CA GLN D 55 8.11 5.10 -8.25
C GLN D 55 8.36 4.32 -9.53
N LEU D 56 9.49 4.59 -10.17
CA LEU D 56 9.83 3.96 -11.44
C LEU D 56 11.10 3.13 -11.32
N PRO D 57 11.22 2.11 -12.17
CA PRO D 57 12.45 1.34 -12.23
C PRO D 57 13.62 2.19 -12.63
N GLU D 58 14.81 1.73 -12.30
CA GLU D 58 16.02 2.49 -12.55
C GLU D 58 16.42 2.29 -14.01
N VAL D 59 16.96 3.34 -14.63
CA VAL D 59 17.58 3.21 -15.97
C VAL D 59 18.68 2.15 -15.94
N GLY D 60 18.64 1.20 -16.86
CA GLY D 60 19.66 0.14 -16.91
C GLY D 60 19.22 -1.18 -16.28
N GLU D 61 18.13 -1.12 -15.50
CA GLU D 61 17.49 -2.31 -14.92
C GLU D 61 16.74 -3.13 -15.98
N THR D 62 16.79 -4.45 -15.82
CA THR D 62 16.04 -5.36 -16.68
C THR D 62 14.73 -5.76 -16.00
N VAL D 63 13.62 -5.55 -16.71
CA VAL D 63 12.33 -6.02 -16.24
C VAL D 63 11.89 -7.25 -17.03
N SER D 64 10.87 -7.90 -16.46
CA SER D 64 10.25 -9.08 -17.00
C SER D 64 8.78 -8.75 -17.26
N ALA D 65 8.25 -9.12 -18.44
CA ALA D 65 6.84 -8.89 -18.72
C ALA D 65 5.97 -9.54 -17.64
N GLY D 66 5.01 -8.78 -17.10
CA GLY D 66 4.14 -9.28 -16.05
C GLY D 66 4.69 -9.17 -14.64
N GLU D 67 5.79 -8.43 -14.47
CA GLU D 67 6.48 -8.22 -13.18
C GLU D 67 6.14 -6.82 -12.72
N SER D 68 5.90 -6.65 -11.42
CA SER D 68 5.68 -5.37 -10.86
C SER D 68 7.01 -4.66 -10.83
N CYS D 69 7.15 -3.56 -11.57
CA CYS D 69 8.44 -2.86 -11.73
C CYS D 69 8.46 -1.45 -11.12
N GLY D 70 7.36 -1.00 -10.53
CA GLY D 70 7.29 0.31 -9.84
C GLY D 70 5.88 0.54 -9.32
N GLU D 71 5.54 1.79 -9.02
CA GLU D 71 4.16 2.13 -8.59
C GLU D 71 3.73 3.53 -8.92
N VAL D 72 2.40 3.74 -8.96
CA VAL D 72 1.79 5.05 -8.99
C VAL D 72 0.85 5.09 -7.80
N GLU D 73 0.75 6.26 -7.18
CA GLU D 73 0.02 6.42 -5.95
C GLU D 73 -0.79 7.70 -5.93
N SER D 74 -2.05 7.60 -5.52
CA SER D 74 -2.88 8.76 -5.21
C SER D 74 -2.96 8.84 -3.70
N THR D 75 -3.70 9.82 -3.18
CA THR D 75 -3.90 9.95 -1.75
C THR D 75 -4.70 8.76 -1.20
N LYS D 76 -5.52 8.11 -2.03
CA LYS D 76 -6.33 6.99 -1.59
C LYS D 76 -5.91 5.59 -2.14
N THR D 77 -4.94 5.51 -3.05
CA THR D 77 -4.65 4.23 -3.69
C THR D 77 -3.15 4.06 -4.03
N VAL D 78 -2.64 2.85 -3.85
CA VAL D 78 -1.28 2.47 -4.28
C VAL D 78 -1.38 1.32 -5.25
N SER D 79 -0.73 1.45 -6.39
CA SER D 79 -0.97 0.53 -7.50
C SER D 79 0.36 0.21 -8.19
N ASP D 80 0.61 -1.07 -8.39
CA ASP D 80 1.89 -1.47 -8.93
C ASP D 80 1.90 -1.34 -10.45
N LEU D 81 3.03 -0.94 -11.01
CA LEU D 81 3.18 -0.98 -12.47
C LEU D 81 3.58 -2.40 -12.87
N ILE D 82 2.75 -3.06 -13.67
CA ILE D 82 3.05 -4.41 -14.13
C ILE D 82 3.63 -4.24 -15.55
N ALA D 83 4.81 -4.79 -15.80
CA ALA D 83 5.51 -4.47 -17.04
C ALA D 83 4.79 -5.13 -18.26
N PRO D 84 4.41 -4.34 -19.26
CA PRO D 84 3.91 -4.96 -20.49
C PRO D 84 4.92 -5.86 -21.23
N ALA D 85 6.20 -5.59 -21.06
CA ALA D 85 7.25 -6.17 -21.87
C ALA D 85 8.46 -6.42 -21.00
N SER D 86 9.25 -7.42 -21.41
CA SER D 86 10.56 -7.73 -20.83
C SER D 86 11.59 -6.90 -21.59
N GLY D 87 12.66 -6.48 -20.92
CA GLY D 87 13.63 -5.62 -21.59
C GLY D 87 14.44 -4.78 -20.63
N GLN D 88 15.38 -4.00 -21.17
CA GLN D 88 16.16 -3.06 -20.39
C GLN D 88 15.45 -1.71 -20.30
N ILE D 89 15.35 -1.14 -19.10
CA ILE D 89 14.89 0.25 -18.97
C ILE D 89 15.96 1.17 -19.55
N VAL D 90 15.62 1.77 -20.67
CA VAL D 90 16.49 2.72 -21.34
C VAL D 90 16.34 4.10 -20.74
N GLU D 91 15.12 4.44 -20.35
CA GLU D 91 14.85 5.81 -19.92
C GLU D 91 13.61 5.96 -19.06
N VAL D 92 13.61 6.99 -18.22
CA VAL D 92 12.50 7.31 -17.32
C VAL D 92 12.13 8.80 -17.43
N ASN D 93 10.85 9.09 -17.23
CA ASN D 93 10.35 10.45 -17.33
C ASN D 93 10.45 11.12 -15.97
N THR D 94 11.60 11.75 -15.71
CA THR D 94 11.87 12.44 -14.45
C THR D 94 10.84 13.51 -14.14
N ALA D 95 10.46 14.25 -15.17
CA ALA D 95 9.40 15.26 -15.12
C ALA D 95 8.07 14.74 -14.58
N ALA D 96 7.71 13.52 -14.93
CA ALA D 96 6.44 12.95 -14.46
C ALA D 96 6.59 12.55 -12.99
N VAL D 97 7.78 12.06 -12.63
CA VAL D 97 8.10 11.70 -11.23
C VAL D 97 8.15 12.95 -10.34
N ASP D 98 8.80 13.99 -10.84
CA ASP D 98 8.86 15.25 -10.12
C ASP D 98 7.47 15.96 -10.05
N ASP D 99 6.59 15.72 -11.01
CA ASP D 99 5.29 16.40 -11.04
C ASP D 99 4.17 15.43 -11.50
N PRO D 100 3.75 14.51 -10.63
CA PRO D 100 2.78 13.48 -10.94
C PRO D 100 1.44 13.94 -11.52
N ALA D 101 0.96 15.12 -11.11
CA ALA D 101 -0.28 15.70 -11.65
C ALA D 101 -0.24 15.73 -13.17
N THR D 102 0.96 15.89 -13.72
CA THR D 102 1.20 15.83 -15.16
C THR D 102 0.71 14.53 -15.79
N ILE D 103 0.78 13.44 -15.06
CA ILE D 103 0.32 12.14 -15.61
C ILE D 103 -1.19 12.13 -15.83
N ALA D 104 -1.94 12.70 -14.88
CA ALA D 104 -3.42 12.74 -14.93
C ALA D 104 -3.90 13.58 -16.09
N THR D 105 -3.18 14.64 -16.36
CA THR D 105 -3.58 15.58 -17.38
C THR D 105 -3.37 15.08 -18.80
N ASP D 106 -2.40 14.17 -19.00
CA ASP D 106 -2.04 13.73 -20.33
C ASP D 106 -1.34 12.35 -20.27
N PRO D 107 -2.10 11.30 -19.85
CA PRO D 107 -1.50 9.98 -19.61
C PRO D 107 -0.92 9.31 -20.85
N TYR D 108 -1.41 9.68 -22.04
CA TYR D 108 -0.90 9.09 -23.28
C TYR D 108 0.20 9.88 -23.96
N GLY D 109 0.40 11.14 -23.54
CA GLY D 109 1.41 12.02 -24.11
C GLY D 109 2.51 12.36 -23.10
N ALA D 110 2.51 13.58 -22.56
CA ALA D 110 3.53 14.01 -21.58
C ALA D 110 3.52 13.20 -20.30
N GLY D 111 2.56 12.31 -20.12
CA GLY D 111 2.47 11.54 -18.89
C GLY D 111 3.14 10.18 -18.99
N TRP D 112 3.85 9.92 -20.11
CA TRP D 112 4.53 8.64 -20.29
C TRP D 112 5.46 8.40 -19.13
N LEU D 113 5.70 7.13 -18.78
CA LEU D 113 6.43 6.86 -17.54
C LEU D 113 7.86 6.42 -17.80
N TYR D 114 8.09 5.40 -18.65
CA TYR D 114 9.44 4.98 -19.01
C TYR D 114 9.48 4.41 -20.43
N SER D 115 10.69 4.23 -20.95
CA SER D 115 10.88 3.49 -22.21
C SER D 115 11.73 2.26 -21.98
N VAL D 116 11.36 1.17 -22.66
CA VAL D 116 12.05 -0.11 -22.54
C VAL D 116 12.49 -0.64 -23.92
N GLN D 117 13.68 -1.26 -23.97
CA GLN D 117 14.17 -1.96 -25.18
C GLN D 117 13.70 -3.42 -25.16
N PRO D 118 12.73 -3.80 -25.97
CA PRO D 118 12.13 -5.08 -25.62
C PRO D 118 12.82 -6.33 -26.19
N THR D 119 12.83 -7.38 -25.37
CA THR D 119 13.22 -8.72 -25.81
C THR D 119 11.99 -9.67 -25.85
N ALA D 120 10.86 -9.22 -25.29
CA ALA D 120 9.62 -9.98 -25.30
C ALA D 120 8.46 -9.10 -24.82
N VAL D 121 7.25 -9.51 -25.22
CA VAL D 121 6.01 -8.89 -24.78
C VAL D 121 5.09 -9.89 -24.08
N GLY D 122 4.33 -9.42 -23.10
CA GLY D 122 3.24 -10.21 -22.54
C GLY D 122 1.99 -10.04 -23.39
N GLU D 123 0.84 -10.32 -22.79
CA GLU D 123 -0.45 -10.30 -23.47
C GLU D 123 -0.85 -8.87 -23.74
N LEU D 124 -0.92 -8.48 -25.01
CA LEU D 124 -1.28 -7.13 -25.41
C LEU D 124 -2.62 -7.12 -26.10
N LEU D 125 -3.34 -6.03 -25.93
CA LEU D 125 -4.64 -5.87 -26.56
C LEU D 125 -4.61 -4.67 -27.51
N THR D 126 -5.54 -4.63 -28.48
CA THR D 126 -5.78 -3.41 -29.25
C THR D 126 -6.63 -2.37 -28.48
N ALA D 127 -6.62 -1.12 -28.96
CA ALA D 127 -7.54 -0.10 -28.39
C ALA D 127 -8.96 -0.65 -28.23
N SER D 128 -9.50 -1.31 -29.26
CA SER D 128 -10.89 -1.79 -29.21
C SER D 128 -11.10 -2.90 -28.19
N GLU D 129 -10.17 -3.85 -28.16
CA GLU D 129 -10.30 -4.95 -27.20
C GLU D 129 -10.29 -4.41 -25.75
N TYR D 130 -9.35 -3.48 -25.48
CA TYR D 130 -9.22 -2.78 -24.19
C TYR D 130 -10.45 -1.95 -23.84
N ALA D 131 -10.90 -1.10 -24.76
CA ALA D 131 -12.18 -0.42 -24.62
C ALA D 131 -13.30 -1.40 -24.25
N GLY D 132 -13.38 -2.52 -24.96
CA GLY D 132 -14.41 -3.52 -24.71
C GLY D 132 -14.45 -4.12 -23.31
N GLN D 133 -13.28 -4.43 -22.74
CA GLN D 133 -13.19 -4.97 -21.38
C GLN D 133 -13.62 -3.96 -20.36
N ASN D 134 -13.52 -2.69 -20.71
CA ASN D 134 -13.83 -1.60 -19.78
C ASN D 134 -15.13 -0.87 -20.09
N GLY D 135 -15.96 -1.45 -20.97
CA GLY D 135 -17.29 -0.92 -21.30
C GLY D 135 -17.32 0.45 -21.95
N LEU D 136 -16.23 0.86 -22.59
CA LEU D 136 -16.16 2.20 -23.16
C LEU D 136 -16.79 2.25 -24.56
C ACT E . -11.96 12.43 19.25
O ACT E . -11.76 13.56 18.75
OXT ACT E . -11.05 11.87 19.88
CH3 ACT E . -13.27 11.72 19.13
C1 EDO F . 9.43 -4.76 8.23
O1 EDO F . 9.91 -5.10 6.92
C2 EDO F . 8.40 -3.63 8.12
O2 EDO F . 8.89 -2.73 7.13
C1 EDO G . 4.59 4.77 12.13
O1 EDO G . 5.07 4.72 10.77
C2 EDO G . 3.24 5.47 12.15
O2 EDO G . 2.29 4.88 13.07
C1 EDO H . 6.68 1.12 11.10
O1 EDO H . 5.70 1.89 11.83
C2 EDO H . 5.97 0.09 10.22
O2 EDO H . 6.87 -0.51 9.27
C1 PEG I . -3.16 3.56 0.18
O1 PEG I . -3.30 4.97 0.40
C2 PEG I . -3.57 2.81 1.44
O2 PEG I . -2.57 2.90 2.47
C3 PEG I . -2.79 2.00 3.58
C4 PEG I . -1.51 1.36 4.11
O4 PEG I . -1.86 0.26 4.94
C ACT J . -19.10 13.59 10.67
O ACT J . -19.64 13.88 9.60
OXT ACT J . -19.41 12.54 11.29
CH3 ACT J . -18.11 14.52 11.26
C1 EDO K . -12.21 1.62 -3.79
O1 EDO K . -11.53 1.86 -5.04
C2 EDO K . -13.40 2.57 -3.64
O2 EDO K . -13.13 3.60 -2.65
C1 EDO L . -5.21 1.35 -11.87
O1 EDO L . -4.37 0.28 -12.34
C2 EDO L . -5.77 0.98 -10.51
O2 EDO L . -5.62 -0.45 -10.32
C1 EDO M . 27.24 -15.72 5.04
O1 EDO M . 26.70 -17.04 5.12
C2 EDO M . 27.38 -15.04 6.42
O2 EDO M . 26.14 -14.58 6.98
C1 PEG N . 0.09 -3.06 -3.32
O1 PEG N . 0.07 -4.29 -4.09
C2 PEG N . 1.41 -2.30 -3.52
O2 PEG N . 2.36 -2.60 -2.47
C3 PEG N . 3.57 -1.82 -2.46
C4 PEG N . 4.05 -1.45 -1.05
O4 PEG N . 5.26 -0.64 -1.07
#